data_5VFA
#
_entry.id   5VFA
#
_cell.length_a   142.836
_cell.length_b   59.708
_cell.length_c   52.509
_cell.angle_alpha   90.00
_cell.angle_beta   96.30
_cell.angle_gamma   90.00
#
_symmetry.space_group_name_H-M   'C 1 2 1'
#
loop_
_entity.id
_entity.type
_entity.pdbx_description
1 polymer 'Response regulator'
2 water water
#
_entity_poly.entity_id   1
_entity_poly.type   'polypeptide(L)'
_entity_poly.pdbx_seq_one_letter_code
;MGKRILLLEKERNLAHFLSLELQKEQYRVDLVEEGQKALSMALQTDYDLILLNVNLGDMMAQDFAEKLSRTKPASVIMIL
DHWEDLQEELEVVQRFAVSYIYKPVLIENLVARISAIFRGRDFIDQHDSLMKVPRTYRNLRIDVEHHTVYRGEEMIALTR
REYDLLATLMGSKKVLTREQLLESVWKYESATETNIVDVYIRYLRSKLDVKGQKSYIKTVRGVGYTMQEG
;
_entity_poly.pdbx_strand_id   A,B
#
# COMPACT_ATOMS: atom_id res chain seq x y z
N GLY A 2 -0.25 23.50 -12.94
CA GLY A 2 -1.43 22.66 -12.84
C GLY A 2 -2.21 22.89 -11.56
N LYS A 3 -1.67 22.43 -10.43
CA LYS A 3 -2.38 22.55 -9.17
C LYS A 3 -2.53 24.01 -8.77
N ARG A 4 -3.62 24.30 -8.07
CA ARG A 4 -3.98 25.66 -7.69
C ARG A 4 -3.92 25.81 -6.16
N ILE A 5 -3.22 26.86 -5.72
CA ILE A 5 -2.98 27.15 -4.32
C ILE A 5 -3.55 28.52 -4.00
N LEU A 6 -4.33 28.60 -2.93
CA LEU A 6 -4.78 29.85 -2.35
C LEU A 6 -3.90 30.15 -1.15
N LEU A 7 -3.26 31.34 -1.12
CA LEU A 7 -2.25 31.68 -0.12
C LEU A 7 -2.63 32.97 0.59
N LEU A 8 -2.74 32.92 1.94
CA LEU A 8 -2.94 34.07 2.79
C LEU A 8 -1.87 34.01 3.88
N GLU A 9 -0.88 34.90 3.79
CA GLU A 9 0.23 34.98 4.71
C GLU A 9 0.35 36.42 5.21
N LYS A 10 0.34 36.60 6.54
CA LYS A 10 0.27 37.97 7.10
C LYS A 10 1.59 38.72 6.99
N GLU A 11 2.72 38.04 6.90
CA GLU A 11 4.03 38.68 6.73
C GLU A 11 4.21 38.93 5.24
N ARG A 12 4.23 40.21 4.84
CA ARG A 12 4.18 40.54 3.42
C ARG A 12 5.37 40.00 2.65
N ASN A 13 6.59 40.15 3.18
CA ASN A 13 7.73 39.66 2.41
C ASN A 13 7.69 38.15 2.29
N LEU A 14 7.26 37.46 3.35
CA LEU A 14 7.15 36.00 3.26
C LEU A 14 6.07 35.60 2.26
N ALA A 15 4.93 36.29 2.27
CA ALA A 15 3.88 36.01 1.29
C ALA A 15 4.42 36.10 -0.12
N HIS A 16 5.17 37.18 -0.41
CA HIS A 16 5.70 37.38 -1.75
C HIS A 16 6.69 36.29 -2.10
N PHE A 17 7.58 35.96 -1.16
CA PHE A 17 8.55 34.89 -1.36
C PHE A 17 7.85 33.56 -1.63
N LEU A 18 6.86 33.19 -0.81
CA LEU A 18 6.20 31.90 -1.02
C LEU A 18 5.45 31.87 -2.34
N SER A 19 4.81 32.97 -2.71
CA SER A 19 4.11 33.00 -3.99
C SER A 19 5.08 32.72 -5.13
N LEU A 20 6.22 33.42 -5.15
CA LEU A 20 7.15 33.25 -6.25
C LEU A 20 7.76 31.86 -6.26
N GLU A 21 8.12 31.36 -5.09
CA GLU A 21 8.81 30.07 -5.05
C GLU A 21 7.85 28.91 -5.40
N LEU A 22 6.59 29.01 -4.98
CA LEU A 22 5.64 27.98 -5.34
C LEU A 22 5.32 28.01 -6.84
N GLN A 23 5.31 29.20 -7.44
CA GLN A 23 5.11 29.26 -8.89
C GLN A 23 6.27 28.67 -9.66
N LYS A 24 7.48 28.63 -9.08
CA LYS A 24 8.60 27.95 -9.73
C LYS A 24 8.38 26.45 -9.82
N GLU A 25 7.52 25.89 -8.98
CA GLU A 25 7.10 24.49 -9.07
C GLU A 25 5.96 24.28 -10.05
N GLN A 26 5.56 25.35 -10.75
CA GLN A 26 4.51 25.29 -11.76
C GLN A 26 3.11 25.21 -11.15
N TYR A 27 2.98 25.57 -9.89
CA TYR A 27 1.69 25.78 -9.27
C TYR A 27 1.15 27.15 -9.64
N ARG A 28 -0.17 27.24 -9.76
CA ARG A 28 -0.86 28.53 -9.86
C ARG A 28 -1.17 28.96 -8.45
N VAL A 29 -0.78 30.18 -8.09
CA VAL A 29 -0.88 30.69 -6.73
C VAL A 29 -1.70 31.96 -6.78
N ASP A 30 -2.80 31.99 -6.02
CA ASP A 30 -3.61 33.18 -5.82
C ASP A 30 -3.33 33.70 -4.43
N LEU A 31 -2.67 34.84 -4.33
CA LEU A 31 -2.37 35.50 -3.07
C LEU A 31 -3.56 36.38 -2.70
N VAL A 32 -4.00 36.28 -1.46
CA VAL A 32 -5.09 37.10 -0.95
C VAL A 32 -4.66 37.62 0.42
N GLU A 33 -5.23 38.76 0.83
CA GLU A 33 -4.82 39.40 2.06
C GLU A 33 -5.85 39.32 3.19
N GLU A 34 -7.10 39.01 2.88
CA GLU A 34 -8.16 38.99 3.88
C GLU A 34 -8.89 37.66 3.84
N GLY A 35 -9.29 37.20 5.03
CA GLY A 35 -10.04 35.96 5.13
C GLY A 35 -11.36 35.98 4.39
N GLN A 36 -12.06 37.12 4.43
CA GLN A 36 -13.35 37.18 3.76
C GLN A 36 -13.19 36.99 2.25
N LYS A 37 -12.17 37.62 1.68
CA LYS A 37 -11.88 37.44 0.26
C LYS A 37 -11.42 36.01 -0.03
N ALA A 38 -10.57 35.45 0.83
CA ALA A 38 -10.14 34.06 0.64
C ALA A 38 -11.34 33.12 0.62
N LEU A 39 -12.31 33.33 1.50
CA LEU A 39 -13.46 32.46 1.57
C LEU A 39 -14.30 32.59 0.30
N SER A 40 -14.55 33.81 -0.17
CA SER A 40 -15.32 33.98 -1.40
C SER A 40 -14.65 33.25 -2.57
N MET A 41 -13.32 33.33 -2.64
CA MET A 41 -12.59 32.67 -3.72
C MET A 41 -12.65 31.14 -3.59
N ALA A 42 -12.45 30.62 -2.38
CA ALA A 42 -12.51 29.17 -2.17
C ALA A 42 -13.91 28.62 -2.38
N LEU A 43 -14.95 29.46 -2.21
CA LEU A 43 -16.31 28.99 -2.46
C LEU A 43 -16.58 28.84 -3.95
N GLN A 44 -15.95 29.67 -4.78
CA GLN A 44 -16.17 29.67 -6.23
C GLN A 44 -15.16 28.84 -7.00
N THR A 45 -13.99 28.56 -6.44
CA THR A 45 -12.94 27.82 -7.11
C THR A 45 -12.53 26.64 -6.26
N ASP A 46 -12.20 25.53 -6.90
CA ASP A 46 -11.72 24.34 -6.20
C ASP A 46 -10.20 24.38 -6.11
N TYR A 47 -9.68 24.86 -4.98
CA TYR A 47 -8.24 24.90 -4.77
C TYR A 47 -7.72 23.55 -4.30
N ASP A 48 -6.55 23.18 -4.79
CA ASP A 48 -5.94 21.94 -4.35
C ASP A 48 -5.30 22.08 -2.98
N LEU A 49 -4.92 23.29 -2.60
CA LEU A 49 -4.38 23.56 -1.29
C LEU A 49 -4.72 24.99 -0.94
N ILE A 50 -5.12 25.20 0.32
CA ILE A 50 -5.30 26.53 0.90
C ILE A 50 -4.30 26.65 2.03
N LEU A 51 -3.38 27.62 1.95
CA LEU A 51 -2.30 27.78 2.89
C LEU A 51 -2.53 29.07 3.67
N LEU A 52 -2.70 28.96 4.99
CA LEU A 52 -3.15 30.04 5.87
C LEU A 52 -2.34 30.06 7.16
N ASN A 53 -2.43 31.19 7.87
CA ASN A 53 -1.98 31.28 9.26
C ASN A 53 -3.14 30.88 10.20
N VAL A 54 -2.84 30.73 11.50
CA VAL A 54 -3.88 30.37 12.47
C VAL A 54 -4.96 31.43 12.51
N ASN A 55 -4.55 32.71 12.45
CA ASN A 55 -5.46 33.86 12.48
C ASN A 55 -5.31 34.57 11.15
N LEU A 56 -6.41 34.75 10.42
CA LEU A 56 -6.39 35.38 9.11
C LEU A 56 -6.50 36.88 9.19
N GLY A 57 -6.68 37.43 10.37
CA GLY A 57 -6.80 38.87 10.55
C GLY A 57 -8.24 39.30 10.78
N ASP A 58 -9.10 38.99 9.86
CA ASP A 58 -10.52 39.29 10.01
C ASP A 58 -11.31 38.13 10.62
N MET A 59 -10.70 36.94 10.74
CA MET A 59 -11.36 35.76 11.30
C MET A 59 -10.26 34.76 11.58
N MET A 60 -10.58 33.75 12.38
CA MET A 60 -9.66 32.66 12.62
C MET A 60 -9.74 31.65 11.48
N ALA A 61 -8.64 30.95 11.22
CA ALA A 61 -8.67 29.89 10.21
C ALA A 61 -9.74 28.84 10.52
N GLN A 62 -9.95 28.54 11.81
CA GLN A 62 -10.99 27.58 12.18
C GLN A 62 -12.35 28.01 11.66
N ASP A 63 -12.64 29.31 11.77
CA ASP A 63 -13.92 29.88 11.36
C ASP A 63 -14.04 29.82 9.84
N PHE A 64 -12.98 30.23 9.14
CA PHE A 64 -12.91 30.04 7.69
C PHE A 64 -13.20 28.60 7.29
N ALA A 65 -12.55 27.65 7.95
CA ALA A 65 -12.70 26.24 7.57
C ALA A 65 -14.13 25.74 7.80
N GLU A 66 -14.75 26.15 8.91
CA GLU A 66 -16.13 25.75 9.16
C GLU A 66 -17.07 26.27 8.07
N LYS A 67 -16.90 27.55 7.71
CA LYS A 67 -17.80 28.15 6.73
C LYS A 67 -17.61 27.48 5.37
N LEU A 68 -16.37 27.22 4.98
CA LEU A 68 -16.10 26.54 3.72
C LEU A 68 -16.67 25.12 3.74
N SER A 69 -16.62 24.45 4.90
CA SER A 69 -17.01 23.05 5.00
C SER A 69 -18.49 22.82 4.77
N ARG A 70 -19.30 23.88 4.87
CA ARG A 70 -20.74 23.71 4.66
C ARG A 70 -21.03 23.22 3.25
N THR A 71 -20.22 23.63 2.27
N THR A 71 -20.22 23.63 2.27
CA THR A 71 -20.37 23.17 0.89
CA THR A 71 -20.38 23.17 0.90
C THR A 71 -19.21 22.33 0.41
C THR A 71 -19.20 22.35 0.39
N LYS A 72 -18.01 22.49 0.98
CA LYS A 72 -16.82 21.75 0.55
C LYS A 72 -16.13 21.13 1.76
N PRO A 73 -16.72 20.09 2.35
CA PRO A 73 -16.21 19.61 3.64
C PRO A 73 -14.82 19.01 3.58
N ALA A 74 -14.43 18.42 2.46
CA ALA A 74 -13.12 17.81 2.34
C ALA A 74 -12.06 18.78 1.81
N SER A 75 -12.22 20.08 2.05
CA SER A 75 -11.24 21.05 1.58
C SER A 75 -9.88 20.78 2.23
N VAL A 76 -8.82 21.12 1.51
CA VAL A 76 -7.46 20.77 1.86
C VAL A 76 -6.78 22.05 2.34
N ILE A 77 -6.64 22.20 3.65
CA ILE A 77 -6.11 23.39 4.29
C ILE A 77 -4.85 23.04 5.06
N MET A 78 -3.78 23.79 4.85
CA MET A 78 -2.53 23.65 5.58
C MET A 78 -2.27 24.95 6.32
N ILE A 79 -1.76 24.85 7.56
CA ILE A 79 -1.48 26.01 8.40
C ILE A 79 0.01 26.19 8.55
N LEU A 80 0.49 27.40 8.24
CA LEU A 80 1.87 27.81 8.47
C LEU A 80 1.87 28.86 9.57
N ASP A 81 2.59 28.64 10.67
CA ASP A 81 2.64 29.67 11.69
C ASP A 81 3.79 29.44 12.66
N HIS A 82 4.01 30.44 13.51
CA HIS A 82 4.97 30.29 14.59
C HIS A 82 4.54 29.17 15.52
N TRP A 83 5.52 28.55 16.16
CA TRP A 83 5.26 27.42 17.05
C TRP A 83 4.25 27.79 18.13
N GLU A 84 4.43 28.95 18.78
CA GLU A 84 3.55 29.33 19.87
C GLU A 84 2.11 29.47 19.38
N ASP A 85 1.91 30.10 18.22
CA ASP A 85 0.56 30.33 17.70
C ASP A 85 -0.13 29.02 17.34
N LEU A 86 0.60 28.10 16.72
CA LEU A 86 0.03 26.81 16.37
C LEU A 86 -0.29 26.02 17.63
N GLN A 87 0.61 25.99 18.60
CA GLN A 87 0.38 25.15 19.78
C GLN A 87 -0.78 25.66 20.62
N GLU A 88 -1.01 26.97 20.64
CA GLU A 88 -2.16 27.54 21.35
C GLU A 88 -3.48 27.03 20.78
N GLU A 89 -3.52 26.63 19.52
CA GLU A 89 -4.72 26.19 18.81
C GLU A 89 -4.57 24.76 18.28
N LEU A 90 -3.71 23.95 18.91
CA LEU A 90 -3.29 22.71 18.25
C LEU A 90 -4.45 21.75 18.00
N GLU A 91 -5.29 21.51 19.01
CA GLU A 91 -6.38 20.55 18.80
C GLU A 91 -7.33 21.03 17.73
N VAL A 92 -7.66 22.32 17.76
CA VAL A 92 -8.54 22.91 16.75
C VAL A 92 -7.93 22.74 15.36
N VAL A 93 -6.65 23.07 15.22
CA VAL A 93 -5.98 22.99 13.91
C VAL A 93 -5.95 21.57 13.39
N GLN A 94 -5.61 20.60 14.27
CA GLN A 94 -5.58 19.21 13.83
C GLN A 94 -6.94 18.79 13.30
N ARG A 95 -8.02 19.32 13.87
CA ARG A 95 -9.38 18.96 13.47
C ARG A 95 -9.85 19.61 12.16
N PHE A 96 -9.20 20.66 11.64
CA PHE A 96 -9.64 21.16 10.34
C PHE A 96 -8.56 21.14 9.26
N ALA A 97 -7.28 21.05 9.61
CA ALA A 97 -6.18 21.22 8.67
C ALA A 97 -5.57 19.86 8.33
N VAL A 98 -5.20 19.68 7.06
CA VAL A 98 -4.60 18.43 6.66
C VAL A 98 -3.23 18.27 7.32
N SER A 99 -2.52 19.38 7.50
CA SER A 99 -1.15 19.44 7.98
C SER A 99 -0.86 20.83 8.52
N TYR A 100 0.20 20.94 9.30
CA TYR A 100 0.73 22.23 9.73
C TYR A 100 2.24 22.22 9.66
N ILE A 101 2.81 23.42 9.57
CA ILE A 101 4.24 23.62 9.37
C ILE A 101 4.65 24.87 10.15
N TYR A 102 5.82 24.82 10.78
CA TYR A 102 6.27 25.91 11.63
C TYR A 102 7.08 26.94 10.86
N LYS A 103 6.87 28.19 11.21
CA LYS A 103 7.81 29.24 10.90
C LYS A 103 8.98 29.14 11.88
N PRO A 104 10.19 29.55 11.49
CA PRO A 104 10.55 30.01 10.16
C PRO A 104 10.62 28.84 9.17
N VAL A 105 10.00 29.02 8.04
CA VAL A 105 9.85 27.94 7.07
C VAL A 105 11.09 27.84 6.19
N LEU A 106 11.47 26.62 5.86
CA LEU A 106 12.50 26.34 4.86
C LEU A 106 11.79 25.95 3.57
N ILE A 107 12.04 26.70 2.49
CA ILE A 107 11.21 26.53 1.29
C ILE A 107 11.29 25.11 0.74
N GLU A 108 12.48 24.50 0.78
CA GLU A 108 12.58 23.13 0.25
C GLU A 108 11.71 22.16 1.04
N ASN A 109 11.54 22.41 2.34
CA ASN A 109 10.70 21.54 3.15
C ASN A 109 9.24 21.76 2.81
N LEU A 110 8.80 23.02 2.70
CA LEU A 110 7.43 23.29 2.31
C LEU A 110 7.09 22.64 0.97
N VAL A 111 7.96 22.83 -0.03
CA VAL A 111 7.75 22.23 -1.36
C VAL A 111 7.61 20.71 -1.26
N ALA A 112 8.49 20.05 -0.49
CA ALA A 112 8.42 18.59 -0.39
C ALA A 112 7.11 18.16 0.28
N ARG A 113 6.69 18.86 1.31
CA ARG A 113 5.48 18.46 2.02
C ARG A 113 4.24 18.66 1.15
N ILE A 114 4.17 19.79 0.44
CA ILE A 114 3.04 20.02 -0.46
C ILE A 114 2.96 18.93 -1.53
N SER A 115 4.08 18.57 -2.12
CA SER A 115 4.07 17.53 -3.14
C SER A 115 3.50 16.23 -2.57
N ALA A 116 3.93 15.84 -1.37
CA ALA A 116 3.43 14.60 -0.80
C ALA A 116 1.93 14.66 -0.53
N ILE A 117 1.44 15.78 -0.01
CA ILE A 117 0.01 15.91 0.25
C ILE A 117 -0.78 15.76 -1.03
N PHE A 118 -0.33 16.42 -2.08
CA PHE A 118 -1.05 16.33 -3.35
C PHE A 118 -1.08 14.88 -3.84
N ARG A 119 0.05 14.19 -3.76
CA ARG A 119 0.10 12.82 -4.28
C ARG A 119 -0.71 11.86 -3.42
N GLY A 120 -0.80 12.10 -2.12
CA GLY A 120 -1.62 11.25 -1.29
C GLY A 120 -3.11 11.45 -1.55
N ARG A 121 -3.53 12.67 -1.83
CA ARG A 121 -4.93 12.90 -2.22
C ARG A 121 -5.23 12.27 -3.59
N ASP A 122 -4.36 12.49 -4.56
CA ASP A 122 -4.62 12.00 -5.92
C ASP A 122 -4.74 10.48 -5.96
N PHE A 123 -3.91 9.77 -5.20
CA PHE A 123 -3.99 8.31 -5.23
C PHE A 123 -5.37 7.87 -4.74
N ILE A 124 -5.81 8.43 -3.62
CA ILE A 124 -7.14 8.14 -3.10
C ILE A 124 -8.21 8.53 -4.10
N ASP A 125 -8.05 9.69 -4.74
CA ASP A 125 -8.99 10.15 -5.74
C ASP A 125 -8.63 9.56 -7.10
N PRO A 134 -16.82 1.23 -2.17
CA PRO A 134 -17.95 0.93 -1.28
C PRO A 134 -18.73 2.19 -0.92
N ARG A 135 -20.02 2.20 -1.25
CA ARG A 135 -20.80 3.43 -1.18
C ARG A 135 -21.71 3.50 0.03
N THR A 136 -21.93 2.40 0.75
CA THR A 136 -22.79 2.43 1.92
C THR A 136 -22.17 1.62 3.06
N TYR A 137 -22.52 2.00 4.29
CA TYR A 137 -22.20 1.19 5.46
C TYR A 137 -23.18 1.56 6.56
N ARG A 138 -23.91 0.58 7.10
CA ARG A 138 -24.95 0.89 8.08
C ARG A 138 -25.83 2.01 7.54
N ASN A 139 -25.91 3.15 8.23
CA ASN A 139 -26.75 4.27 7.82
C ASN A 139 -25.97 5.31 7.00
N LEU A 140 -24.73 5.01 6.63
CA LEU A 140 -23.91 5.98 5.90
C LEU A 140 -24.03 5.75 4.39
N ARG A 141 -23.97 6.86 3.65
CA ARG A 141 -23.88 6.85 2.20
C ARG A 141 -22.71 7.75 1.81
N ILE A 142 -21.80 7.24 0.98
CA ILE A 142 -20.62 7.99 0.57
C ILE A 142 -20.76 8.37 -0.90
N ASP A 143 -20.46 9.63 -1.20
CA ASP A 143 -20.46 10.14 -2.58
C ASP A 143 -18.98 10.34 -2.93
N VAL A 144 -18.39 9.33 -3.57
CA VAL A 144 -16.95 9.33 -3.75
C VAL A 144 -16.52 10.45 -4.72
N GLU A 145 -17.38 10.80 -5.67
CA GLU A 145 -17.02 11.82 -6.65
C GLU A 145 -16.87 13.18 -6.00
N HIS A 146 -17.72 13.48 -5.01
CA HIS A 146 -17.71 14.78 -4.35
C HIS A 146 -17.08 14.75 -2.97
N HIS A 147 -16.61 13.58 -2.51
CA HIS A 147 -15.96 13.46 -1.19
C HIS A 147 -16.89 13.88 -0.05
N THR A 148 -18.13 13.41 -0.11
CA THR A 148 -19.13 13.77 0.88
C THR A 148 -19.72 12.51 1.48
N VAL A 149 -20.21 12.64 2.71
CA VAL A 149 -20.76 11.53 3.48
C VAL A 149 -22.06 11.99 4.09
N TYR A 150 -23.07 11.10 4.08
CA TYR A 150 -24.38 11.39 4.64
C TYR A 150 -24.72 10.24 5.59
N ARG A 151 -25.09 10.56 6.83
CA ARG A 151 -25.63 9.55 7.75
C ARG A 151 -27.11 9.87 7.77
N GLY A 152 -27.87 9.14 6.96
CA GLY A 152 -29.27 9.46 6.75
C GLY A 152 -29.48 10.61 5.80
N GLU A 153 -30.40 11.54 6.11
CA GLU A 153 -30.62 12.76 5.34
C GLU A 153 -29.75 13.94 5.81
N GLU A 154 -28.74 13.69 6.64
CA GLU A 154 -27.84 14.71 7.13
C GLU A 154 -26.46 14.52 6.51
N MET A 155 -25.86 15.60 6.08
CA MET A 155 -24.47 15.53 5.66
C MET A 155 -23.58 15.53 6.89
N ILE A 156 -22.60 14.64 6.90
CA ILE A 156 -21.58 14.59 7.95
C ILE A 156 -20.32 15.23 7.38
N ALA A 157 -19.86 16.30 8.00
CA ALA A 157 -18.81 17.15 7.40
C ALA A 157 -17.42 16.61 7.73
N LEU A 158 -17.11 15.45 7.16
CA LEU A 158 -15.78 14.88 7.36
C LEU A 158 -14.74 15.75 6.68
N THR A 159 -13.65 16.01 7.38
CA THR A 159 -12.50 16.68 6.78
C THR A 159 -11.83 15.76 5.77
N ARG A 160 -10.87 16.30 5.02
CA ARG A 160 -10.14 15.47 4.07
C ARG A 160 -9.49 14.26 4.75
N ARG A 161 -8.80 14.49 5.88
CA ARG A 161 -8.11 13.39 6.53
C ARG A 161 -9.12 12.37 7.03
N GLU A 162 -10.23 12.84 7.63
CA GLU A 162 -11.25 11.94 8.13
C GLU A 162 -11.89 11.15 7.00
N TYR A 163 -12.18 11.82 5.87
CA TYR A 163 -12.73 11.12 4.73
C TYR A 163 -11.78 10.03 4.25
N ASP A 164 -10.49 10.38 4.10
CA ASP A 164 -9.51 9.42 3.61
C ASP A 164 -9.39 8.23 4.57
N LEU A 165 -9.46 8.51 5.87
CA LEU A 165 -9.39 7.43 6.85
C LEU A 165 -10.63 6.52 6.75
N LEU A 166 -11.82 7.11 6.66
CA LEU A 166 -13.01 6.30 6.50
C LEU A 166 -12.96 5.48 5.22
N ALA A 167 -12.51 6.08 4.12
CA ALA A 167 -12.48 5.35 2.86
C ALA A 167 -11.51 4.17 2.96
N THR A 168 -10.37 4.36 3.64
CA THR A 168 -9.41 3.28 3.80
C THR A 168 -10.00 2.15 4.64
N LEU A 169 -10.69 2.49 5.73
CA LEU A 169 -11.26 1.44 6.57
C LEU A 169 -12.36 0.69 5.82
N MET A 170 -13.23 1.44 5.14
CA MET A 170 -14.34 0.81 4.43
C MET A 170 -13.88 -0.01 3.24
N GLY A 171 -12.77 0.39 2.61
CA GLY A 171 -12.28 -0.34 1.44
C GLY A 171 -11.57 -1.64 1.74
N SER A 172 -11.32 -1.95 3.00
CA SER A 172 -10.57 -3.14 3.39
C SER A 172 -11.49 -4.11 4.12
N LYS A 173 -11.54 -5.35 3.65
CA LYS A 173 -12.27 -6.38 4.39
C LYS A 173 -11.54 -6.74 5.67
N LYS A 174 -10.21 -6.68 5.67
CA LYS A 174 -9.41 -7.06 6.81
C LYS A 174 -9.22 -5.90 7.78
N VAL A 175 -8.89 -6.25 9.02
CA VAL A 175 -8.48 -5.28 10.02
C VAL A 175 -7.15 -4.67 9.60
N LEU A 176 -7.00 -3.36 9.77
CA LEU A 176 -5.78 -2.69 9.36
C LEU A 176 -4.99 -2.26 10.59
N THR A 177 -3.67 -2.41 10.52
CA THR A 177 -2.82 -1.90 11.58
C THR A 177 -2.72 -0.38 11.50
N ARG A 178 -2.28 0.21 12.60
CA ARG A 178 -2.00 1.64 12.60
C ARG A 178 -0.95 1.98 11.54
N GLU A 179 0.03 1.11 11.36
CA GLU A 179 1.07 1.39 10.36
C GLU A 179 0.50 1.39 8.93
N GLN A 180 -0.41 0.46 8.64
CA GLN A 180 -1.09 0.44 7.34
C GLN A 180 -1.98 1.67 7.16
N LEU A 181 -2.69 2.08 8.19
CA LEU A 181 -3.51 3.28 8.08
C LEU A 181 -2.65 4.51 7.87
N LEU A 182 -1.52 4.59 8.58
CA LEU A 182 -0.60 5.71 8.37
C LEU A 182 -0.11 5.76 6.93
N GLU A 183 0.25 4.60 6.36
CA GLU A 183 0.81 4.54 5.01
C GLU A 183 -0.24 4.89 3.94
N SER A 184 -1.51 4.62 4.21
CA SER A 184 -2.59 4.91 3.27
C SER A 184 -3.08 6.36 3.36
N VAL A 185 -3.28 6.87 4.57
CA VAL A 185 -3.89 8.18 4.77
C VAL A 185 -2.85 9.29 4.76
N TRP A 186 -1.61 9.00 5.16
CA TRP A 186 -0.49 9.92 5.09
C TRP A 186 0.54 9.45 4.06
N LYS A 187 0.06 8.88 2.96
CA LYS A 187 0.95 8.36 1.93
C LYS A 187 1.87 9.46 1.43
N TYR A 188 3.12 9.09 1.19
CA TYR A 188 4.17 9.91 0.64
C TYR A 188 4.79 10.85 1.67
N GLU A 189 4.24 10.95 2.86
CA GLU A 189 4.77 11.88 3.84
C GLU A 189 5.92 11.28 4.65
N SER A 190 6.30 10.04 4.35
CA SER A 190 7.34 9.35 5.09
C SER A 190 7.10 9.51 6.59
N THR A 192 6.21 8.51 10.40
CA THR A 192 6.59 7.26 11.08
C THR A 192 5.81 7.06 12.39
N GLU A 193 5.26 8.14 12.95
CA GLU A 193 4.58 8.03 14.23
C GLU A 193 3.11 7.71 14.01
N THR A 194 2.70 6.56 14.53
CA THR A 194 1.33 6.11 14.35
C THR A 194 0.38 6.74 15.34
N ASN A 195 0.86 7.47 16.34
CA ASN A 195 -0.06 8.06 17.29
C ASN A 195 -1.07 8.96 16.58
N ILE A 196 -0.66 9.54 15.45
CA ILE A 196 -1.58 10.38 14.69
C ILE A 196 -2.79 9.59 14.21
N VAL A 197 -2.63 8.31 13.90
CA VAL A 197 -3.78 7.50 13.51
C VAL A 197 -4.81 7.48 14.64
N ASP A 198 -4.37 7.26 15.88
CA ASP A 198 -5.32 7.20 17.02
C ASP A 198 -6.08 8.52 17.16
N VAL A 199 -5.40 9.64 16.92
CA VAL A 199 -6.03 10.97 16.99
C VAL A 199 -7.17 11.06 15.97
N TYR A 200 -6.90 10.69 14.72
CA TYR A 200 -7.90 10.87 13.68
C TYR A 200 -9.02 9.82 13.77
N ILE A 201 -8.75 8.64 14.32
CA ILE A 201 -9.82 7.70 14.67
C ILE A 201 -10.76 8.33 15.68
N ARG A 202 -10.22 9.01 16.69
CA ARG A 202 -11.04 9.72 17.67
C ARG A 202 -11.90 10.79 17.00
N TYR A 203 -11.30 11.59 16.13
CA TYR A 203 -12.07 12.62 15.44
C TYR A 203 -13.15 11.99 14.56
N LEU A 204 -12.82 10.92 13.83
CA LEU A 204 -13.78 10.27 12.95
C LEU A 204 -14.95 9.71 13.74
N ARG A 205 -14.67 9.00 14.84
CA ARG A 205 -15.77 8.51 15.67
C ARG A 205 -16.64 9.67 16.12
N SER A 206 -16.01 10.79 16.52
CA SER A 206 -16.83 11.92 16.99
C SER A 206 -17.80 12.40 15.92
N LYS A 207 -17.43 12.30 14.64
CA LYS A 207 -18.30 12.75 13.56
C LYS A 207 -19.40 11.73 13.24
N LEU A 208 -19.07 10.45 13.26
CA LEU A 208 -19.99 9.41 12.79
C LEU A 208 -20.90 8.84 13.86
N ASP A 209 -20.45 8.76 15.11
CA ASP A 209 -21.09 7.88 16.06
C ASP A 209 -22.33 8.53 16.67
N VAL A 210 -23.31 7.68 16.98
CA VAL A 210 -24.58 8.05 17.62
C VAL A 210 -24.59 7.49 19.04
N LYS A 211 -24.88 8.36 20.01
CA LYS A 211 -24.91 7.93 21.40
C LYS A 211 -25.98 6.85 21.60
N GLY A 212 -25.56 5.73 22.19
CA GLY A 212 -26.45 4.59 22.36
C GLY A 212 -26.41 3.56 21.25
N GLN A 213 -25.67 3.83 20.17
CA GLN A 213 -25.37 2.84 19.15
C GLN A 213 -23.94 2.37 19.33
N LYS A 214 -23.61 1.22 18.76
CA LYS A 214 -22.21 0.83 18.65
C LYS A 214 -21.49 1.83 17.78
N SER A 215 -20.26 2.16 18.14
CA SER A 215 -19.42 3.00 17.28
C SER A 215 -19.35 2.42 15.87
N TYR A 216 -19.10 3.30 14.90
CA TYR A 216 -18.82 2.84 13.53
C TYR A 216 -17.43 2.21 13.40
N ILE A 217 -16.54 2.41 14.38
CA ILE A 217 -15.16 1.91 14.31
C ILE A 217 -14.86 1.07 15.54
N LYS A 218 -14.37 -0.16 15.32
CA LYS A 218 -13.96 -1.08 16.38
C LYS A 218 -12.46 -1.07 16.52
N THR A 219 -11.97 -0.94 17.75
CA THR A 219 -10.57 -1.21 18.09
C THR A 219 -10.42 -2.72 18.26
N VAL A 220 -9.55 -3.34 17.45
CA VAL A 220 -9.36 -4.78 17.45
C VAL A 220 -8.12 -5.09 18.28
N ARG A 221 -8.31 -5.88 19.33
CA ARG A 221 -7.24 -6.12 20.30
C ARG A 221 -6.03 -6.74 19.64
N GLY A 222 -4.88 -6.11 19.88
CA GLY A 222 -3.62 -6.63 19.37
C GLY A 222 -3.40 -6.39 17.89
N VAL A 223 -4.29 -5.68 17.18
CA VAL A 223 -4.19 -5.61 15.73
C VAL A 223 -4.30 -4.19 15.20
N GLY A 224 -5.44 -3.53 15.41
CA GLY A 224 -5.65 -2.25 14.75
C GLY A 224 -7.09 -1.80 14.83
N TYR A 225 -7.64 -1.38 13.69
CA TYR A 225 -8.99 -0.84 13.61
C TYR A 225 -9.69 -1.40 12.39
N THR A 226 -11.02 -1.47 12.49
CA THR A 226 -11.86 -1.89 11.38
C THR A 226 -13.24 -1.25 11.56
N MET A 227 -14.05 -1.28 10.50
CA MET A 227 -15.43 -0.83 10.63
C MET A 227 -16.21 -1.80 11.52
N GLN A 228 -17.21 -1.28 12.22
CA GLN A 228 -18.03 -2.04 13.15
C GLN A 228 -19.50 -1.98 12.77
N GLU A 229 -20.17 -3.13 12.77
CA GLU A 229 -21.60 -3.15 12.51
C GLU A 229 -22.41 -2.72 13.73
N GLY A 230 -23.66 -2.37 13.50
CA GLY A 230 -24.56 -1.96 14.59
C GLY A 230 -24.91 -3.07 15.56
N GLY B 2 14.59 -14.85 -24.60
CA GLY B 2 15.31 -14.17 -23.53
C GLY B 2 14.38 -13.82 -22.37
N LYS B 3 14.88 -14.00 -21.15
CA LYS B 3 14.06 -13.72 -19.98
C LYS B 3 13.76 -12.23 -19.85
N ARG B 4 12.59 -11.92 -19.27
CA ARG B 4 12.13 -10.56 -19.16
C ARG B 4 11.83 -10.22 -17.70
N ILE B 5 12.37 -9.08 -17.24
CA ILE B 5 12.33 -8.63 -15.86
C ILE B 5 11.66 -7.27 -15.81
N LEU B 6 10.70 -7.12 -14.89
CA LEU B 6 10.11 -5.85 -14.54
C LEU B 6 10.75 -5.38 -13.24
N LEU B 7 11.35 -4.18 -13.25
CA LEU B 7 12.18 -3.69 -12.16
C LEU B 7 11.65 -2.37 -11.64
N LEU B 8 11.23 -2.34 -10.39
CA LEU B 8 10.80 -1.12 -9.71
C LEU B 8 11.69 -0.96 -8.50
N GLU B 9 12.66 -0.07 -8.59
CA GLU B 9 13.61 0.19 -7.53
C GLU B 9 13.58 1.68 -7.20
N LYS B 10 13.34 2.02 -5.92
CA LYS B 10 13.12 3.42 -5.54
C LYS B 10 14.40 4.23 -5.57
N GLU B 11 15.56 3.61 -5.37
CA GLU B 11 16.84 4.31 -5.46
C GLU B 11 17.26 4.39 -6.92
N ARG B 12 17.23 5.60 -7.49
CA ARG B 12 17.42 5.76 -8.93
C ARG B 12 18.78 5.26 -9.40
N ASN B 13 19.86 5.57 -8.68
CA ASN B 13 21.17 5.10 -9.12
C ASN B 13 21.22 3.58 -9.10
N LEU B 14 20.60 2.96 -8.09
CA LEU B 14 20.58 1.51 -8.03
C LEU B 14 19.74 0.91 -9.14
N ALA B 15 18.60 1.51 -9.44
CA ALA B 15 17.78 1.05 -10.56
C ALA B 15 18.57 1.06 -11.85
N HIS B 16 19.28 2.17 -12.14
CA HIS B 16 20.10 2.27 -13.35
C HIS B 16 21.20 1.22 -13.37
N PHE B 17 21.91 1.05 -12.25
CA PHE B 17 22.96 0.04 -12.15
C PHE B 17 22.41 -1.35 -12.41
N LEU B 18 21.29 -1.71 -11.76
CA LEU B 18 20.76 -3.07 -11.92
C LEU B 18 20.28 -3.30 -13.33
N SER B 19 19.63 -2.28 -13.93
CA SER B 19 19.23 -2.39 -15.33
C SER B 19 20.41 -2.75 -16.22
N LEU B 20 21.49 -1.97 -16.12
CA LEU B 20 22.64 -2.24 -16.98
C LEU B 20 23.26 -3.59 -16.71
N GLU B 21 23.41 -3.93 -15.43
CA GLU B 21 24.09 -5.18 -15.10
C GLU B 21 23.26 -6.39 -15.49
N LEU B 22 21.94 -6.33 -15.31
CA LEU B 22 21.11 -7.46 -15.72
C LEU B 22 21.04 -7.60 -17.24
N GLN B 23 21.11 -6.49 -17.99
CA GLN B 23 21.14 -6.60 -19.44
C GLN B 23 22.41 -7.30 -19.93
N LYS B 24 23.51 -7.18 -19.18
CA LYS B 24 24.73 -7.87 -19.56
C LYS B 24 24.57 -9.39 -19.47
N GLU B 25 23.58 -9.88 -18.73
CA GLU B 25 23.24 -11.29 -18.71
C GLU B 25 22.27 -11.66 -19.83
N GLN B 26 22.02 -10.74 -20.75
CA GLN B 26 21.11 -10.94 -21.88
C GLN B 26 19.66 -10.98 -21.43
N TYR B 27 19.36 -10.42 -20.25
CA TYR B 27 17.99 -10.25 -19.81
C TYR B 27 17.44 -8.95 -20.36
N ARG B 28 16.15 -8.94 -20.64
CA ARG B 28 15.46 -7.69 -20.98
C ARG B 28 14.94 -7.11 -19.68
N VAL B 29 15.19 -5.84 -19.45
CA VAL B 29 14.78 -5.17 -18.22
C VAL B 29 13.89 -4.00 -18.57
N ASP B 30 12.65 -4.02 -18.06
CA ASP B 30 11.74 -2.89 -18.15
C ASP B 30 11.74 -2.17 -16.80
N LEU B 31 12.22 -0.94 -16.78
CA LEU B 31 12.20 -0.12 -15.60
C LEU B 31 10.85 0.57 -15.48
N VAL B 32 10.35 0.67 -14.25
CA VAL B 32 9.09 1.33 -13.96
C VAL B 32 9.25 2.03 -12.61
N GLU B 33 8.47 3.09 -12.41
CA GLU B 33 8.61 3.95 -11.24
C GLU B 33 7.40 3.97 -10.32
N GLU B 34 6.22 3.58 -10.78
CA GLU B 34 5.02 3.56 -9.96
C GLU B 34 4.43 2.17 -9.92
N GLY B 35 3.89 1.80 -8.76
CA GLY B 35 3.22 0.51 -8.62
C GLY B 35 2.01 0.37 -9.54
N GLN B 36 1.20 1.42 -9.67
CA GLN B 36 0.04 1.33 -10.55
C GLN B 36 0.47 1.03 -11.99
N LYS B 37 1.54 1.68 -12.46
CA LYS B 37 2.01 1.41 -13.82
C LYS B 37 2.64 0.02 -13.90
N ALA B 38 3.42 -0.37 -12.88
CA ALA B 38 3.99 -1.71 -12.87
C ALA B 38 2.91 -2.79 -12.94
N LEU B 39 1.81 -2.61 -12.21
CA LEU B 39 0.69 -3.54 -12.27
C LEU B 39 0.11 -3.64 -13.68
N SER B 40 -0.17 -2.51 -14.33
CA SER B 40 -0.71 -2.61 -15.69
C SER B 40 0.25 -3.34 -16.62
N MET B 41 1.56 -3.12 -16.45
CA MET B 41 2.54 -3.81 -17.27
C MET B 41 2.54 -5.31 -16.99
N ALA B 42 2.47 -5.71 -15.71
CA ALA B 42 2.51 -7.13 -15.36
C ALA B 42 1.21 -7.85 -15.75
N LEU B 43 0.10 -7.14 -15.91
CA LEU B 43 -1.11 -7.74 -16.42
C LEU B 43 -1.07 -7.96 -17.93
N GLN B 44 -0.38 -7.09 -18.67
CA GLN B 44 -0.31 -7.17 -20.12
C GLN B 44 0.75 -8.13 -20.60
N THR B 45 1.85 -8.26 -19.86
CA THR B 45 3.01 -9.05 -20.25
C THR B 45 3.29 -10.08 -19.16
N ASP B 46 3.71 -11.27 -19.57
CA ASP B 46 4.12 -12.31 -18.64
C ASP B 46 5.60 -12.14 -18.36
N TYR B 47 5.93 -11.50 -17.25
CA TYR B 47 7.33 -11.33 -16.86
C TYR B 47 7.86 -12.58 -16.18
N ASP B 48 9.11 -12.93 -16.44
CA ASP B 48 9.75 -14.05 -15.78
C ASP B 48 10.15 -13.72 -14.35
N LEU B 49 10.36 -12.44 -14.05
CA LEU B 49 10.66 -11.98 -12.71
C LEU B 49 10.19 -10.53 -12.58
N ILE B 50 9.59 -10.22 -11.44
CA ILE B 50 9.23 -8.86 -11.05
C ILE B 50 10.01 -8.56 -9.79
N LEU B 51 10.88 -7.55 -9.84
CA LEU B 51 11.80 -7.22 -8.75
C LEU B 51 11.38 -5.88 -8.16
N LEU B 52 11.02 -5.88 -6.87
CA LEU B 52 10.38 -4.78 -6.18
C LEU B 52 11.01 -4.56 -4.80
N ASN B 53 10.80 -3.38 -4.26
CA ASN B 53 11.01 -3.09 -2.84
C ASN B 53 9.74 -3.49 -2.06
N VAL B 54 9.83 -3.49 -0.72
CA VAL B 54 8.68 -3.77 0.15
C VAL B 54 7.56 -2.78 -0.10
N ASN B 55 7.90 -1.51 -0.31
CA ASN B 55 6.92 -0.45 -0.55
C ASN B 55 7.24 0.14 -1.91
N LEU B 56 6.24 0.17 -2.80
CA LEU B 56 6.42 0.65 -4.16
C LEU B 56 6.20 2.15 -4.27
N GLY B 57 5.86 2.82 -3.17
CA GLY B 57 5.55 4.23 -3.19
C GLY B 57 4.06 4.47 -3.09
N ASP B 58 3.35 4.09 -4.14
CA ASP B 58 1.91 4.26 -4.16
C ASP B 58 1.16 3.09 -3.53
N MET B 59 1.84 1.97 -3.31
CA MET B 59 1.23 0.81 -2.69
C MET B 59 2.33 -0.07 -2.11
N MET B 60 1.94 -0.97 -1.21
CA MET B 60 2.86 -1.99 -0.73
C MET B 60 3.01 -3.11 -1.77
N ALA B 61 4.17 -3.77 -1.77
CA ALA B 61 4.34 -4.93 -2.65
C ALA B 61 3.29 -6.00 -2.40
N GLN B 62 2.87 -6.15 -1.13
CA GLN B 62 1.83 -7.10 -0.80
C GLN B 62 0.55 -6.80 -1.56
N ASP B 63 0.24 -5.52 -1.72
CA ASP B 63 -1.00 -5.13 -2.40
C ASP B 63 -0.87 -5.32 -3.91
N PHE B 64 0.31 -5.00 -4.45
CA PHE B 64 0.59 -5.30 -5.84
C PHE B 64 0.41 -6.78 -6.11
N ALA B 65 0.98 -7.62 -5.25
CA ALA B 65 0.93 -9.07 -5.46
C ALA B 65 -0.51 -9.57 -5.41
N GLU B 66 -1.30 -9.05 -4.46
CA GLU B 66 -2.68 -9.49 -4.35
C GLU B 66 -3.46 -9.14 -5.62
N LYS B 67 -3.29 -7.92 -6.13
CA LYS B 67 -4.04 -7.55 -7.31
C LYS B 67 -3.60 -8.35 -8.52
N LEU B 68 -2.29 -8.55 -8.67
CA LEU B 68 -1.80 -9.36 -9.79
C LEU B 68 -2.28 -10.81 -9.68
N SER B 69 -2.40 -11.34 -8.47
CA SER B 69 -2.68 -12.76 -8.28
C SER B 69 -4.09 -13.15 -8.70
N ARG B 70 -4.98 -12.18 -8.87
CA ARG B 70 -6.35 -12.48 -9.29
C ARG B 70 -6.37 -13.13 -10.66
N THR B 71 -5.44 -12.74 -11.53
CA THR B 71 -5.31 -13.24 -12.89
C THR B 71 -4.08 -14.13 -13.05
N LYS B 72 -3.01 -13.84 -12.32
CA LYS B 72 -1.72 -14.52 -12.50
C LYS B 72 -1.22 -14.92 -11.12
N PRO B 73 -1.84 -15.92 -10.50
CA PRO B 73 -1.52 -16.22 -9.09
C PRO B 73 -0.11 -16.71 -8.87
N ALA B 74 0.48 -17.38 -9.86
CA ALA B 74 1.83 -17.89 -9.72
C ALA B 74 2.89 -16.91 -10.22
N SER B 75 2.62 -15.61 -10.16
CA SER B 75 3.60 -14.61 -10.61
C SER B 75 4.88 -14.71 -9.77
N VAL B 76 6.01 -14.40 -10.40
CA VAL B 76 7.32 -14.60 -9.81
C VAL B 76 7.85 -13.25 -9.34
N ILE B 77 7.77 -13.00 -8.04
CA ILE B 77 8.08 -11.71 -7.46
C ILE B 77 9.22 -11.89 -6.47
N MET B 78 10.26 -11.09 -6.62
CA MET B 78 11.37 -11.05 -5.69
C MET B 78 11.45 -9.67 -5.05
N ILE B 79 11.75 -9.60 -3.75
CA ILE B 79 11.87 -8.35 -3.02
C ILE B 79 13.34 -8.08 -2.71
N LEU B 80 13.80 -6.88 -3.06
CA LEU B 80 15.13 -6.37 -2.69
C LEU B 80 14.90 -5.20 -1.75
N ASP B 81 15.46 -5.26 -0.55
CA ASP B 81 15.25 -4.13 0.36
C ASP B 81 16.25 -4.20 1.50
N HIS B 82 16.29 -3.10 2.27
CA HIS B 82 17.11 -3.06 3.46
C HIS B 82 16.61 -4.09 4.46
N TRP B 83 17.51 -4.53 5.32
CA TRP B 83 17.20 -5.63 6.21
C TRP B 83 16.05 -5.26 7.14
N GLU B 84 16.02 -4.02 7.63
CA GLU B 84 14.94 -3.65 8.56
C GLU B 84 13.58 -3.53 7.87
N ASP B 85 13.54 -2.93 6.67
CA ASP B 85 12.27 -2.86 5.94
C ASP B 85 11.71 -4.26 5.69
N LEU B 86 12.58 -5.22 5.37
CA LEU B 86 12.15 -6.59 5.13
C LEU B 86 11.71 -7.26 6.43
N GLN B 87 12.41 -7.00 7.55
CA GLN B 87 12.00 -7.66 8.80
C GLN B 87 10.60 -7.22 9.22
N GLU B 88 10.25 -5.96 8.99
CA GLU B 88 8.96 -5.49 9.43
C GLU B 88 7.80 -6.15 8.68
N GLU B 89 8.07 -6.74 7.51
CA GLU B 89 7.04 -7.35 6.67
C GLU B 89 7.39 -8.80 6.33
N LEU B 90 8.22 -9.46 7.14
CA LEU B 90 8.87 -10.67 6.66
C LEU B 90 7.87 -11.79 6.42
N GLU B 91 6.92 -12.00 7.34
CA GLU B 91 5.98 -13.09 7.15
C GLU B 91 5.13 -12.88 5.91
N VAL B 92 4.68 -11.64 5.65
CA VAL B 92 3.89 -11.38 4.46
C VAL B 92 4.72 -11.62 3.21
N VAL B 93 5.96 -11.13 3.21
CA VAL B 93 6.84 -11.30 2.06
C VAL B 93 7.06 -12.77 1.76
N GLN B 94 7.29 -13.59 2.80
CA GLN B 94 7.49 -15.01 2.58
C GLN B 94 6.29 -15.61 1.87
N ARG B 95 5.09 -15.14 2.19
CA ARG B 95 3.91 -15.66 1.54
C ARG B 95 3.92 -15.36 0.05
N PHE B 96 4.08 -14.08 -0.34
CA PHE B 96 3.85 -13.71 -1.74
C PHE B 96 5.08 -13.73 -2.63
N ALA B 97 6.29 -13.64 -2.08
CA ALA B 97 7.51 -13.50 -2.88
C ALA B 97 8.21 -14.84 -3.02
N VAL B 98 8.73 -15.09 -4.23
CA VAL B 98 9.54 -16.29 -4.48
C VAL B 98 10.84 -16.26 -3.69
N SER B 99 11.37 -15.08 -3.45
CA SER B 99 12.64 -14.91 -2.77
C SER B 99 12.78 -13.46 -2.34
N TYR B 100 13.73 -13.21 -1.44
CA TYR B 100 14.09 -11.86 -1.06
C TYR B 100 15.60 -11.80 -0.83
N ILE B 101 16.14 -10.60 -0.92
CA ILE B 101 17.57 -10.37 -0.82
C ILE B 101 17.80 -8.98 -0.28
N TYR B 102 18.86 -8.81 0.50
CA TYR B 102 19.07 -7.61 1.29
C TYR B 102 19.99 -6.64 0.59
N LYS B 103 19.60 -5.34 0.66
CA LYS B 103 20.49 -4.24 0.32
C LYS B 103 21.52 -4.03 1.44
N PRO B 104 22.71 -3.49 1.12
CA PRO B 104 23.21 -3.24 -0.23
C PRO B 104 23.60 -4.57 -0.82
N VAL B 105 23.18 -4.82 -2.04
CA VAL B 105 23.40 -6.11 -2.67
C VAL B 105 24.66 -6.03 -3.52
N LEU B 106 25.44 -7.09 -3.50
CA LEU B 106 26.54 -7.27 -4.42
C LEU B 106 26.00 -7.92 -5.68
N ILE B 107 26.34 -7.37 -6.84
CA ILE B 107 25.66 -7.75 -8.07
C ILE B 107 25.82 -9.23 -8.37
N GLU B 108 26.98 -9.82 -8.07
CA GLU B 108 27.15 -11.23 -8.41
C GLU B 108 26.18 -12.13 -7.63
N ASN B 109 25.81 -11.73 -6.41
CA ASN B 109 24.87 -12.50 -5.60
C ASN B 109 23.45 -12.36 -6.14
N LEU B 110 23.08 -11.16 -6.60
CA LEU B 110 21.77 -11.00 -7.20
C LEU B 110 21.68 -11.78 -8.51
N VAL B 111 22.72 -11.71 -9.35
CA VAL B 111 22.73 -12.46 -10.60
C VAL B 111 22.61 -13.95 -10.34
N ALA B 112 23.36 -14.45 -9.35
CA ALA B 112 23.28 -15.88 -9.06
C ALA B 112 21.88 -16.25 -8.58
N ARG B 113 21.28 -15.41 -7.74
CA ARG B 113 19.96 -15.72 -7.22
C ARG B 113 18.93 -15.76 -8.33
N ILE B 114 18.97 -14.75 -9.21
CA ILE B 114 18.03 -14.71 -10.33
C ILE B 114 18.23 -15.93 -11.23
N SER B 115 19.47 -16.31 -11.50
CA SER B 115 19.69 -17.47 -12.36
C SER B 115 19.11 -18.73 -11.74
N ALA B 116 19.29 -18.90 -10.43
CA ALA B 116 18.73 -20.06 -9.74
C ALA B 116 17.21 -20.06 -9.83
N ILE B 117 16.58 -18.90 -9.59
CA ILE B 117 15.12 -18.81 -9.65
C ILE B 117 14.64 -19.21 -11.04
N PHE B 118 15.21 -18.60 -12.09
CA PHE B 118 14.78 -18.92 -13.44
C PHE B 118 14.96 -20.41 -13.74
N ARG B 119 16.14 -20.95 -13.42
CA ARG B 119 16.41 -22.34 -13.77
C ARG B 119 15.51 -23.29 -12.98
N GLY B 120 15.20 -22.96 -11.72
CA GLY B 120 14.33 -23.81 -10.94
C GLY B 120 12.90 -23.84 -11.46
N ARG B 121 12.40 -22.67 -11.87
CA ARG B 121 11.06 -22.61 -12.46
C ARG B 121 11.04 -23.37 -13.78
N ASP B 122 12.05 -23.19 -14.62
CA ASP B 122 12.07 -23.87 -15.90
C ASP B 122 12.12 -25.39 -15.72
N PHE B 123 12.85 -25.88 -14.71
CA PHE B 123 12.89 -27.31 -14.46
C PHE B 123 11.50 -27.85 -14.15
N ILE B 124 10.77 -27.13 -13.29
CA ILE B 124 9.41 -27.55 -12.95
C ILE B 124 8.52 -27.51 -14.18
N ASP B 125 8.65 -26.46 -15.00
CA ASP B 125 7.77 -26.21 -16.13
C ASP B 125 8.19 -26.98 -17.38
N GLN B 126 9.19 -27.87 -17.27
CA GLN B 126 9.63 -28.71 -18.37
C GLN B 126 9.75 -30.18 -18.00
N HIS B 127 9.72 -30.52 -16.72
CA HIS B 127 9.92 -31.90 -16.27
C HIS B 127 8.83 -32.29 -15.28
N ARG B 135 -1.73 -34.34 -13.56
CA ARG B 135 -2.37 -33.02 -13.61
C ARG B 135 -3.72 -33.01 -12.89
N THR B 136 -4.13 -34.18 -12.43
CA THR B 136 -5.35 -34.30 -11.63
C THR B 136 -5.03 -35.20 -10.45
N TYR B 137 -5.61 -34.88 -9.30
CA TYR B 137 -5.51 -35.71 -8.11
C TYR B 137 -6.74 -35.43 -7.26
N ARG B 138 -7.57 -36.44 -7.04
CA ARG B 138 -8.85 -36.26 -6.33
C ARG B 138 -9.62 -35.19 -7.10
N ASN B 139 -10.11 -34.13 -6.45
CA ASN B 139 -10.81 -33.06 -7.15
C ASN B 139 -9.93 -31.85 -7.42
N LEU B 140 -8.61 -32.02 -7.31
CA LEU B 140 -7.65 -30.98 -7.70
C LEU B 140 -7.31 -31.14 -9.16
N ARG B 141 -7.09 -30.02 -9.84
CA ARG B 141 -6.50 -30.08 -11.16
C ARG B 141 -5.56 -28.91 -11.38
N ILE B 142 -4.48 -29.18 -12.10
CA ILE B 142 -3.45 -28.20 -12.38
C ILE B 142 -3.49 -27.90 -13.88
N ASP B 143 -3.68 -26.63 -14.20
CA ASP B 143 -3.68 -26.14 -15.58
C ASP B 143 -2.29 -25.59 -15.81
N VAL B 144 -1.41 -26.41 -16.40
CA VAL B 144 -0.01 -26.01 -16.53
C VAL B 144 0.14 -24.87 -17.52
N GLU B 145 -0.78 -24.75 -18.49
CA GLU B 145 -0.70 -23.66 -19.44
C GLU B 145 -0.77 -22.31 -18.76
N HIS B 146 -1.62 -22.18 -17.74
CA HIS B 146 -1.82 -20.91 -17.06
C HIS B 146 -1.21 -20.87 -15.65
N HIS B 147 -0.54 -21.94 -15.24
CA HIS B 147 -0.02 -22.06 -13.87
C HIS B 147 -1.11 -21.76 -12.86
N THR B 148 -2.27 -22.36 -13.08
CA THR B 148 -3.39 -22.22 -12.16
C THR B 148 -3.82 -23.58 -11.62
N VAL B 149 -4.50 -23.54 -10.47
CA VAL B 149 -4.94 -24.73 -9.77
C VAL B 149 -6.41 -24.57 -9.38
N TYR B 150 -7.18 -25.66 -9.50
CA TYR B 150 -8.58 -25.69 -9.13
C TYR B 150 -8.86 -26.80 -8.12
N ARG B 151 -9.78 -26.52 -7.20
CA ARG B 151 -10.33 -27.49 -6.25
C ARG B 151 -11.81 -27.58 -6.59
N GLY B 152 -12.22 -28.68 -7.19
CA GLY B 152 -13.55 -28.71 -7.79
C GLY B 152 -13.58 -27.69 -8.90
N GLU B 153 -14.57 -26.78 -8.86
CA GLU B 153 -14.62 -25.70 -9.84
C GLU B 153 -13.87 -24.45 -9.40
N GLU B 154 -13.43 -24.38 -8.15
CA GLU B 154 -12.94 -23.15 -7.55
C GLU B 154 -11.45 -22.96 -7.82
N MET B 155 -11.08 -21.81 -8.36
CA MET B 155 -9.67 -21.48 -8.54
C MET B 155 -9.03 -21.24 -7.19
N ILE B 156 -7.89 -21.87 -6.94
CA ILE B 156 -7.11 -21.68 -5.72
C ILE B 156 -5.81 -20.98 -6.07
N ALA B 157 -5.58 -19.80 -5.47
CA ALA B 157 -4.55 -18.87 -5.94
C ALA B 157 -3.18 -19.19 -5.32
N LEU B 158 -2.60 -20.32 -5.74
CA LEU B 158 -1.27 -20.69 -5.26
C LEU B 158 -0.22 -19.76 -5.83
N THR B 159 0.72 -19.39 -4.97
CA THR B 159 1.90 -18.65 -5.39
C THR B 159 2.82 -19.56 -6.19
N ARG B 160 3.85 -18.97 -6.78
CA ARG B 160 4.79 -19.79 -7.54
C ARG B 160 5.40 -20.89 -6.66
N ARG B 161 5.87 -20.54 -5.45
CA ARG B 161 6.48 -21.55 -4.58
C ARG B 161 5.48 -22.63 -4.21
N GLU B 162 4.24 -22.24 -3.89
CA GLU B 162 3.23 -23.23 -3.50
C GLU B 162 2.89 -24.14 -4.68
N TYR B 163 2.76 -23.55 -5.86
CA TYR B 163 2.54 -24.31 -7.10
C TYR B 163 3.68 -25.32 -7.33
N ASP B 164 4.92 -24.87 -7.17
CA ASP B 164 6.07 -25.74 -7.37
C ASP B 164 6.05 -26.89 -6.36
N LEU B 165 5.69 -26.60 -5.12
CA LEU B 165 5.65 -27.64 -4.10
C LEU B 165 4.54 -28.65 -4.41
N LEU B 166 3.36 -28.17 -4.79
CA LEU B 166 2.29 -29.09 -5.15
C LEU B 166 2.67 -29.93 -6.38
N ALA B 167 3.27 -29.31 -7.39
CA ALA B 167 3.67 -30.08 -8.57
C ALA B 167 4.70 -31.15 -8.22
N THR B 168 5.63 -30.83 -7.32
CA THR B 168 6.62 -31.81 -6.91
C THR B 168 5.98 -32.99 -6.18
N LEU B 169 5.05 -32.70 -5.26
CA LEU B 169 4.40 -33.79 -4.53
C LEU B 169 3.55 -34.63 -5.48
N MET B 170 2.81 -34.00 -6.38
CA MET B 170 1.99 -34.75 -7.33
C MET B 170 2.81 -35.58 -8.29
N GLY B 171 4.04 -35.16 -8.58
CA GLY B 171 4.88 -35.86 -9.54
C GLY B 171 5.71 -36.99 -9.00
N SER B 172 5.62 -37.29 -7.71
CA SER B 172 6.31 -38.43 -7.12
C SER B 172 5.26 -39.39 -6.57
N LYS B 173 5.32 -40.65 -7.02
CA LYS B 173 4.47 -41.65 -6.40
C LYS B 173 4.91 -41.96 -4.98
N LYS B 174 6.20 -41.80 -4.70
CA LYS B 174 6.74 -42.11 -3.39
C LYS B 174 6.78 -40.87 -2.50
N VAL B 175 6.77 -41.12 -1.18
CA VAL B 175 6.90 -40.05 -0.21
C VAL B 175 8.24 -39.34 -0.47
N LEU B 176 8.29 -38.04 -0.20
CA LEU B 176 9.49 -37.24 -0.36
C LEU B 176 9.91 -36.66 0.99
N THR B 177 11.19 -36.79 1.32
CA THR B 177 11.67 -36.17 2.55
C THR B 177 11.77 -34.66 2.36
N ARG B 178 11.89 -33.96 3.48
CA ARG B 178 12.12 -32.52 3.44
C ARG B 178 13.39 -32.18 2.67
N GLU B 179 14.44 -33.00 2.78
CA GLU B 179 15.65 -32.75 2.01
C GLU B 179 15.39 -32.85 0.51
N GLN B 180 14.61 -33.84 0.09
CA GLN B 180 14.28 -33.98 -1.33
C GLN B 180 13.44 -32.81 -1.80
N LEU B 181 12.47 -32.39 -0.99
CA LEU B 181 11.63 -31.26 -1.39
C LEU B 181 12.44 -29.97 -1.47
N LEU B 182 13.39 -29.78 -0.54
CA LEU B 182 14.23 -28.59 -0.59
C LEU B 182 15.02 -28.54 -1.88
N GLU B 183 15.61 -29.66 -2.30
CA GLU B 183 16.42 -29.71 -3.49
C GLU B 183 15.60 -29.61 -4.78
N SER B 184 14.31 -29.94 -4.74
CA SER B 184 13.41 -29.79 -5.88
C SER B 184 12.84 -28.38 -5.98
N VAL B 185 12.27 -27.87 -4.90
CA VAL B 185 11.56 -26.60 -4.97
C VAL B 185 12.50 -25.42 -4.83
N TRP B 186 13.63 -25.58 -4.13
CA TRP B 186 14.67 -24.55 -4.03
C TRP B 186 15.93 -24.99 -4.77
N LYS B 187 15.74 -25.66 -5.90
CA LYS B 187 16.87 -26.09 -6.71
C LYS B 187 17.75 -24.91 -7.10
N TYR B 188 19.05 -25.12 -7.05
CA TYR B 188 20.11 -24.21 -7.49
C TYR B 188 20.41 -23.11 -6.50
N GLU B 189 19.69 -23.00 -5.40
CA GLU B 189 19.92 -21.96 -4.43
C GLU B 189 20.91 -22.39 -3.35
N SER B 190 21.51 -23.58 -3.50
CA SER B 190 22.43 -24.11 -2.50
C SER B 190 21.78 -24.09 -1.11
N ALA B 191 20.51 -24.49 -1.04
CA ALA B 191 19.80 -24.48 0.23
C ALA B 191 20.16 -25.71 1.06
N THR B 192 20.19 -25.51 2.38
CA THR B 192 20.48 -26.59 3.34
C THR B 192 19.43 -26.67 4.45
N GLU B 193 18.79 -25.56 4.78
CA GLU B 193 17.83 -25.52 5.90
C GLU B 193 16.49 -26.05 5.43
N THR B 194 16.07 -27.20 5.98
CA THR B 194 14.82 -27.82 5.55
C THR B 194 13.59 -27.22 6.22
N ASN B 195 13.76 -26.38 7.24
CA ASN B 195 12.59 -25.83 7.90
C ASN B 195 11.71 -25.07 6.93
N ILE B 196 12.29 -24.47 5.90
CA ILE B 196 11.48 -23.71 4.95
C ILE B 196 10.46 -24.62 4.27
N VAL B 197 10.75 -25.92 4.16
CA VAL B 197 9.77 -26.82 3.56
C VAL B 197 8.49 -26.85 4.39
N ASP B 198 8.64 -26.98 5.72
CA ASP B 198 7.45 -27.04 6.58
C ASP B 198 6.67 -25.73 6.54
N VAL B 199 7.37 -24.59 6.40
CA VAL B 199 6.67 -23.31 6.29
C VAL B 199 5.75 -23.30 5.07
N TYR B 200 6.28 -23.72 3.92
CA TYR B 200 5.51 -23.66 2.69
C TYR B 200 4.50 -24.79 2.57
N ILE B 201 4.72 -25.92 3.26
CA ILE B 201 3.67 -26.92 3.40
C ILE B 201 2.49 -26.30 4.12
N ARG B 202 2.74 -25.55 5.19
N ARG B 202 2.76 -25.55 5.19
CA ARG B 202 1.66 -24.89 5.90
CA ARG B 202 1.71 -24.85 5.92
C ARG B 202 0.96 -23.86 5.00
C ARG B 202 0.99 -23.85 5.02
N TYR B 203 1.73 -23.08 4.24
CA TYR B 203 1.08 -22.12 3.35
C TYR B 203 0.23 -22.85 2.32
N LEU B 204 0.76 -23.94 1.75
CA LEU B 204 0.03 -24.69 0.75
C LEU B 204 -1.26 -25.25 1.33
N ARG B 205 -1.17 -25.88 2.51
CA ARG B 205 -2.38 -26.37 3.18
C ARG B 205 -3.38 -25.25 3.43
N SER B 206 -2.91 -24.04 3.75
CA SER B 206 -3.86 -22.97 4.05
C SER B 206 -4.66 -22.57 2.83
N LYS B 207 -4.17 -22.87 1.62
CA LYS B 207 -4.86 -22.60 0.37
C LYS B 207 -5.73 -23.77 -0.05
N LEU B 208 -5.22 -25.01 0.05
CA LEU B 208 -5.96 -26.15 -0.48
C LEU B 208 -7.01 -26.69 0.49
N ASP B 209 -6.77 -26.57 1.80
CA ASP B 209 -7.61 -27.15 2.84
C ASP B 209 -8.55 -26.11 3.48
N VAL B 210 -9.79 -26.51 3.72
CA VAL B 210 -10.63 -25.76 4.65
C VAL B 210 -10.14 -26.04 6.07
N LYS B 211 -10.10 -25.01 6.91
CA LYS B 211 -9.60 -25.20 8.26
C LYS B 211 -10.38 -26.31 8.92
N GLY B 212 -9.67 -27.22 9.58
CA GLY B 212 -10.29 -28.28 10.34
C GLY B 212 -10.36 -29.63 9.63
N GLN B 213 -10.37 -29.64 8.30
CA GLN B 213 -10.56 -30.88 7.55
C GLN B 213 -9.22 -31.56 7.34
N LYS B 214 -9.29 -32.86 7.09
CA LYS B 214 -8.11 -33.64 6.79
C LYS B 214 -7.43 -33.11 5.54
N SER B 215 -6.14 -32.90 5.62
CA SER B 215 -5.43 -32.17 4.59
C SER B 215 -5.27 -32.97 3.29
N TYR B 216 -5.23 -32.24 2.15
CA TYR B 216 -4.80 -32.82 0.87
C TYR B 216 -3.34 -33.24 0.88
N ILE B 217 -2.55 -32.74 1.83
CA ILE B 217 -1.12 -33.03 1.90
C ILE B 217 -0.93 -33.87 3.15
N LYS B 218 -0.35 -35.07 2.98
CA LYS B 218 -0.15 -36.03 4.07
C LYS B 218 1.24 -35.89 4.69
N THR B 219 1.28 -35.73 6.01
CA THR B 219 2.51 -35.88 6.77
C THR B 219 2.73 -37.35 7.00
N VAL B 220 3.83 -37.88 6.48
CA VAL B 220 4.20 -39.28 6.64
C VAL B 220 5.16 -39.35 7.81
N ARG B 221 4.72 -39.98 8.89
CA ARG B 221 5.45 -39.95 10.15
C ARG B 221 6.87 -40.47 9.97
N GLY B 222 7.85 -39.68 10.41
CA GLY B 222 9.23 -40.10 10.39
C GLY B 222 9.91 -39.99 9.05
N VAL B 223 9.21 -39.56 8.02
CA VAL B 223 9.74 -39.56 6.66
C VAL B 223 9.63 -38.23 5.93
N GLY B 224 8.42 -37.72 5.71
CA GLY B 224 8.24 -36.50 4.94
C GLY B 224 6.81 -36.25 4.56
N TYR B 225 6.54 -35.98 3.29
CA TYR B 225 5.24 -35.58 2.82
C TYR B 225 4.92 -36.29 1.50
N THR B 226 3.61 -36.42 1.24
CA THR B 226 3.12 -36.94 -0.03
C THR B 226 1.69 -36.42 -0.19
N MET B 227 1.07 -36.74 -1.33
CA MET B 227 -0.36 -36.45 -1.46
C MET B 227 -1.19 -37.41 -0.63
N GLN B 228 -2.25 -36.87 -0.02
CA GLN B 228 -3.15 -37.68 0.79
C GLN B 228 -4.20 -38.33 -0.10
N GLU B 229 -4.28 -39.65 -0.06
CA GLU B 229 -5.35 -40.31 -0.80
C GLU B 229 -6.70 -40.05 -0.13
N GLY B 230 -7.75 -40.03 -0.94
CA GLY B 230 -9.10 -39.86 -0.42
C GLY B 230 -10.06 -39.41 -1.49
#